data_6GMU
#
_entry.id   6GMU
#
_cell.length_a   94.318
_cell.length_b   94.318
_cell.length_c   142.410
_cell.angle_alpha   90.00
_cell.angle_beta   90.00
_cell.angle_gamma   90.00
#
_symmetry.space_group_name_H-M   'P 43 21 2'
#
loop_
_entity.id
_entity.type
_entity.pdbx_description
1 polymer 'Serum Paraoxonase-1 by directed evolution with the L69G/H134R/F222S/T332S mutations'
2 non-polymer 'CALCIUM ION'
3 non-polymer 'CHLORIDE ION'
4 non-polymer 2-[3-(2-HYDROXY-1,1-DIHYDROXYMETHYL-ETHYLAMINO)-PROPYLAMINO]-2-HYDROXYMETHYL-PROPANE-1,3-DIOL
5 water water
#
_entity_poly.entity_id   1
_entity_poly.type   'polypeptide(L)'
_entity_poly.pdbx_seq_one_letter_code
;MAKLTALTLLGMGLALFDRQKSSFQTRFNVHREVTPVELPNCNLVKGIDNGSEDLEILPNGLAFISSGGKYPGIMSFDPD
KSGKILLMDLNEKEPAVSELEIIGNTLDISSFNPHGISTFIDDDNTVYLLVVNRPGSSSTVEVFKFQEEEKSLLHLKTIR
HKLLPSVNDIVAVGPEHFYATNDHYFIDPYLKSWEMHLGLAWSFVTYYSPNDVRVVAEGFDSANGINISPDGKYVYIAEL
LAHKIHVYEKHANWTLTPLRVLSFDTLVDNISVDPVTGDLWVGCHPNGMRIFFYDAENPPGSEVLRIQDILSEEPKVTVV
YAENGTVLQGSSVAAVYKGKLLIGTVFHKALYCDL
;
_entity_poly.pdbx_strand_id   A
#
loop_
_chem_comp.id
_chem_comp.type
_chem_comp.name
_chem_comp.formula
B3P non-polymer 2-[3-(2-HYDROXY-1,1-DIHYDROXYMETHYL-ETHYLAMINO)-PROPYLAMINO]-2-HYDROXYMETHYL-PROPANE-1,3-DIOL 'C11 H26 N2 O6'
CA non-polymer 'CALCIUM ION' 'Ca 2'
CL non-polymer 'CHLORIDE ION' 'Cl -1'
#
# COMPACT_ATOMS: atom_id res chain seq x y z
N ASP A 18 -27.58 -0.84 19.16
CA ASP A 18 -26.91 0.43 18.88
C ASP A 18 -26.75 0.70 17.38
N ARG A 19 -26.78 1.98 17.01
CA ARG A 19 -26.41 2.35 15.65
C ARG A 19 -24.91 2.24 15.43
N GLN A 20 -24.12 2.26 16.51
CA GLN A 20 -22.66 2.21 16.39
C GLN A 20 -22.17 0.78 16.19
N LYS A 21 -22.66 -0.16 16.99
CA LYS A 21 -22.31 -1.57 16.77
C LYS A 21 -22.70 -2.02 15.37
N SER A 22 -23.74 -1.42 14.80
CA SER A 22 -24.13 -1.76 13.44
C SER A 22 -23.11 -1.25 12.43
N SER A 23 -22.73 0.03 12.54
CA SER A 23 -21.75 0.55 11.59
C SER A 23 -20.34 0.05 11.87
N PHE A 24 -20.04 -0.40 13.09
CA PHE A 24 -18.76 -1.05 13.33
C PHE A 24 -18.67 -2.38 12.58
N GLN A 25 -19.68 -3.23 12.71
CA GLN A 25 -19.60 -4.50 12.02
C GLN A 25 -19.90 -4.37 10.53
N THR A 26 -20.37 -3.21 10.09
CA THR A 26 -20.32 -2.92 8.66
C THR A 26 -18.91 -2.50 8.24
N ARG A 27 -18.25 -1.64 9.02
CA ARG A 27 -16.95 -1.12 8.61
C ARG A 27 -15.89 -2.21 8.60
N PHE A 28 -15.88 -3.06 9.61
CA PHE A 28 -14.89 -4.13 9.66
C PHE A 28 -15.37 -5.40 9.01
N ASN A 29 -16.52 -5.37 8.33
CA ASN A 29 -16.99 -6.44 7.46
C ASN A 29 -16.97 -7.80 8.15
N VAL A 30 -17.61 -7.87 9.31
CA VAL A 30 -17.34 -8.98 10.23
C VAL A 30 -18.00 -10.29 9.81
N HIS A 31 -19.01 -10.25 8.93
CA HIS A 31 -19.73 -11.45 8.53
C HIS A 31 -19.18 -12.07 7.26
N ARG A 32 -17.97 -11.70 6.86
CA ARG A 32 -17.49 -11.93 5.53
C ARG A 32 -16.62 -13.19 5.50
N GLU A 33 -16.93 -14.09 4.58
CA GLU A 33 -16.13 -15.28 4.36
C GLU A 33 -15.66 -15.29 2.92
N VAL A 34 -14.59 -16.01 2.66
CA VAL A 34 -13.91 -15.97 1.38
C VAL A 34 -14.26 -17.22 0.59
N THR A 35 -15.05 -17.06 -0.46
CA THR A 35 -15.18 -18.09 -1.48
C THR A 35 -13.85 -18.26 -2.21
N PRO A 36 -13.25 -19.44 -2.23
CA PRO A 36 -11.90 -19.57 -2.82
C PRO A 36 -11.89 -19.24 -4.30
N VAL A 37 -10.77 -18.66 -4.73
CA VAL A 37 -10.45 -18.47 -6.15
C VAL A 37 -8.99 -18.88 -6.27
N GLU A 38 -8.75 -20.00 -6.93
CA GLU A 38 -7.45 -20.64 -6.87
C GLU A 38 -6.58 -20.28 -8.07
N LEU A 39 -5.27 -20.45 -7.86
CA LEU A 39 -4.29 -20.37 -8.92
C LEU A 39 -3.40 -21.60 -8.79
N PRO A 40 -3.13 -22.31 -9.88
CA PRO A 40 -2.48 -23.63 -9.74
C PRO A 40 -0.97 -23.59 -9.51
N ASN A 41 -0.30 -22.49 -9.82
CA ASN A 41 1.14 -22.40 -9.66
C ASN A 41 1.47 -21.13 -8.89
N CYS A 42 1.21 -21.18 -7.59
CA CYS A 42 1.52 -20.11 -6.66
C CYS A 42 2.61 -20.61 -5.74
N ASN A 43 3.62 -19.79 -5.51
CA ASN A 43 4.73 -20.20 -4.66
C ASN A 43 5.09 -19.08 -3.70
N LEU A 44 5.15 -19.42 -2.41
CA LEU A 44 5.66 -18.48 -1.41
C LEU A 44 7.08 -18.07 -1.76
N VAL A 45 7.38 -16.78 -1.62
CA VAL A 45 8.71 -16.27 -1.89
C VAL A 45 9.61 -16.57 -0.70
N LYS A 46 10.64 -17.39 -0.90
CA LYS A 46 11.54 -17.72 0.20
C LYS A 46 12.22 -16.45 0.70
N GLY A 47 12.18 -16.24 2.02
CA GLY A 47 12.81 -15.10 2.65
C GLY A 47 11.86 -14.06 3.21
N ILE A 48 10.56 -14.14 2.90
CA ILE A 48 9.60 -13.11 3.29
C ILE A 48 8.67 -13.73 4.33
N ASP A 49 8.94 -13.44 5.60
CA ASP A 49 8.12 -13.97 6.67
C ASP A 49 7.59 -12.91 7.62
N ASN A 50 7.98 -11.65 7.47
CA ASN A 50 7.58 -10.63 8.42
C ASN A 50 6.96 -9.43 7.72
N GLY A 51 6.18 -9.69 6.69
CA GLY A 51 5.46 -8.64 6.03
C GLY A 51 6.06 -8.27 4.69
N SER A 52 5.19 -7.88 3.78
CA SER A 52 5.58 -7.38 2.48
C SER A 52 4.49 -6.39 2.05
N GLU A 53 4.22 -5.39 2.92
CA GLU A 53 2.93 -4.70 2.90
C GLU A 53 2.73 -3.88 1.62
N ASP A 54 3.80 -3.46 0.98
CA ASP A 54 3.60 -2.71 -0.23
C ASP A 54 4.74 -3.04 -1.17
N LEU A 55 4.50 -2.91 -2.46
CA LEU A 55 5.53 -3.25 -3.42
C LEU A 55 5.27 -2.49 -4.71
N GLU A 56 6.32 -2.35 -5.51
CA GLU A 56 6.20 -1.67 -6.79
C GLU A 56 7.18 -2.30 -7.77
N ILE A 57 6.71 -2.53 -9.00
CA ILE A 57 7.51 -3.15 -10.05
C ILE A 57 7.86 -2.11 -11.10
N LEU A 58 9.14 -1.94 -11.36
CA LEU A 58 9.59 -1.04 -12.40
C LEU A 58 9.25 -1.62 -13.77
N PRO A 59 9.27 -0.80 -14.83
CA PRO A 59 9.01 -1.36 -16.17
C PRO A 59 10.01 -2.42 -16.61
N ASN A 60 11.24 -2.43 -16.05
CA ASN A 60 12.24 -3.44 -16.36
C ASN A 60 12.14 -4.70 -15.51
N GLY A 61 11.11 -4.81 -14.66
CA GLY A 61 10.90 -6.03 -13.94
C GLY A 61 11.54 -6.12 -12.57
N LEU A 62 12.31 -5.12 -12.16
CA LEU A 62 12.74 -5.07 -10.78
C LEU A 62 11.56 -4.61 -9.91
N ALA A 63 11.38 -5.29 -8.78
CA ALA A 63 10.30 -5.00 -7.86
C ALA A 63 10.91 -4.65 -6.52
N PHE A 64 10.43 -3.57 -5.92
CA PHE A 64 10.81 -3.16 -4.58
C PHE A 64 9.74 -3.64 -3.62
N ILE A 65 10.15 -4.16 -2.48
CA ILE A 65 9.19 -4.66 -1.50
C ILE A 65 9.48 -4.01 -0.15
N SER A 66 8.49 -3.34 0.40
CA SER A 66 8.58 -2.81 1.76
C SER A 66 8.26 -3.95 2.73
N SER A 67 9.17 -4.25 3.64
CA SER A 67 8.99 -5.41 4.51
C SER A 67 9.44 -5.11 5.94
N GLY A 68 8.79 -5.76 6.88
CA GLY A 68 9.15 -5.58 8.27
C GLY A 68 8.47 -4.42 8.97
N GLY A 69 7.65 -3.65 8.28
CA GLY A 69 6.98 -2.54 8.93
C GLY A 69 6.13 -3.00 10.09
N LYS A 70 6.00 -2.15 11.09
CA LYS A 70 5.20 -2.46 12.27
C LYS A 70 4.21 -1.32 12.50
N TYR A 71 3.04 -1.69 13.00
CA TYR A 71 1.97 -0.79 13.34
C TYR A 71 1.56 -1.06 14.77
N PRO A 72 1.27 -0.03 15.56
CA PRO A 72 0.66 -0.25 16.89
C PRO A 72 -0.63 -1.03 16.78
N GLY A 73 -0.65 -2.22 17.37
CA GLY A 73 -1.84 -3.04 17.39
C GLY A 73 -1.93 -4.10 16.30
N ILE A 74 -1.10 -4.06 15.29
CA ILE A 74 -1.12 -5.08 14.24
C ILE A 74 -0.20 -6.21 14.66
N MET A 75 -0.55 -7.42 14.21
CA MET A 75 0.21 -8.62 14.55
C MET A 75 1.64 -8.56 14.01
N SER A 76 2.54 -9.20 14.73
CA SER A 76 3.93 -9.34 14.28
C SER A 76 4.48 -10.67 14.78
N PHE A 77 4.98 -11.48 13.86
CA PHE A 77 5.56 -12.78 14.21
C PHE A 77 6.99 -12.67 14.71
N ASP A 78 7.66 -11.53 14.53
CA ASP A 78 9.04 -11.36 14.94
C ASP A 78 9.22 -9.90 15.36
N PRO A 79 8.94 -9.58 16.64
CA PRO A 79 8.88 -8.17 17.04
C PRO A 79 10.22 -7.44 17.00
N ASP A 80 11.34 -8.14 17.17
CA ASP A 80 12.66 -7.53 17.05
C ASP A 80 13.13 -7.39 15.60
N LYS A 81 12.31 -7.78 14.62
CA LYS A 81 12.70 -7.73 13.23
C LYS A 81 12.78 -6.29 12.74
N SER A 82 13.76 -6.01 11.91
CA SER A 82 13.92 -4.66 11.38
C SER A 82 13.12 -4.47 10.10
N GLY A 83 12.84 -3.22 9.77
CA GLY A 83 12.19 -2.93 8.52
C GLY A 83 13.21 -2.90 7.40
N LYS A 84 12.83 -3.45 6.26
CA LYS A 84 13.75 -3.63 5.14
C LYS A 84 13.04 -3.30 3.84
N ILE A 85 13.81 -2.76 2.89
CA ILE A 85 13.40 -2.70 1.50
C ILE A 85 14.10 -3.85 0.77
N LEU A 86 13.33 -4.74 0.15
CA LEU A 86 13.89 -5.87 -0.56
C LEU A 86 13.77 -5.67 -2.07
N LEU A 87 14.68 -6.32 -2.80
CA LEU A 87 14.69 -6.30 -4.26
C LEU A 87 14.42 -7.68 -4.82
N MET A 88 13.64 -7.73 -5.89
CA MET A 88 13.32 -8.97 -6.60
C MET A 88 13.37 -8.69 -8.09
N ASP A 89 14.15 -9.49 -8.82
CA ASP A 89 14.22 -9.41 -10.28
C ASP A 89 13.20 -10.38 -10.88
N LEU A 90 12.06 -9.86 -11.32
CA LEU A 90 10.99 -10.71 -11.82
C LEU A 90 11.29 -11.30 -13.18
N ASN A 91 12.41 -10.94 -13.81
CA ASN A 91 12.78 -11.58 -15.07
C ASN A 91 13.43 -12.93 -14.86
N GLU A 92 13.90 -13.22 -13.65
CA GLU A 92 14.42 -14.54 -13.33
C GLU A 92 13.29 -15.57 -13.27
N LYS A 93 13.65 -16.84 -13.43
CA LYS A 93 12.64 -17.90 -13.49
C LYS A 93 12.03 -18.15 -12.11
N GLU A 94 12.87 -18.36 -11.10
CA GLU A 94 12.43 -18.47 -9.71
C GLU A 94 13.11 -17.33 -8.96
N PRO A 95 12.53 -16.13 -8.95
CA PRO A 95 13.25 -14.96 -8.44
C PRO A 95 13.44 -15.01 -6.93
N ALA A 96 14.58 -14.55 -6.48
CA ALA A 96 14.92 -14.51 -5.07
C ALA A 96 15.01 -13.05 -4.60
N VAL A 97 14.69 -12.83 -3.31
CA VAL A 97 14.75 -11.51 -2.71
C VAL A 97 16.14 -11.28 -2.15
N SER A 98 16.62 -10.04 -2.26
CA SER A 98 17.79 -9.57 -1.53
C SER A 98 17.42 -8.31 -0.77
N GLU A 99 18.00 -8.13 0.42
CA GLU A 99 17.83 -6.89 1.15
C GLU A 99 18.70 -5.81 0.51
N LEU A 100 18.10 -4.66 0.20
CA LEU A 100 18.86 -3.53 -0.31
C LEU A 100 19.56 -2.81 0.82
N GLU A 101 20.82 -2.44 0.61
CA GLU A 101 21.56 -1.70 1.61
C GLU A 101 21.21 -0.22 1.54
N ILE A 102 20.91 0.37 2.69
CA ILE A 102 20.71 1.81 2.78
C ILE A 102 22.03 2.46 3.13
N ILE A 103 22.49 3.39 2.30
CA ILE A 103 23.72 4.11 2.56
C ILE A 103 23.42 5.59 2.63
N GLY A 104 24.30 6.31 3.29
CA GLY A 104 24.13 7.73 3.54
C GLY A 104 24.17 8.02 5.03
N ASN A 105 24.21 9.31 5.34
CA ASN A 105 24.39 9.75 6.73
C ASN A 105 23.28 10.65 7.21
N THR A 106 22.18 10.74 6.48
CA THR A 106 21.12 11.69 6.79
C THR A 106 19.87 11.00 7.35
N LEU A 107 20.01 9.75 7.78
CA LEU A 107 18.86 8.94 8.12
C LEU A 107 19.24 8.02 9.26
N ASP A 108 18.38 7.96 10.28
CA ASP A 108 18.55 7.06 11.42
C ASP A 108 17.98 5.69 11.07
N ILE A 109 18.86 4.71 10.88
CA ILE A 109 18.39 3.42 10.39
C ILE A 109 17.79 2.57 11.51
N SER A 110 18.26 2.73 12.75
CA SER A 110 17.75 1.92 13.86
C SER A 110 16.23 2.04 13.99
N SER A 111 15.65 3.18 13.66
CA SER A 111 14.21 3.35 13.79
C SER A 111 13.46 3.21 12.46
N PHE A 112 14.15 2.86 11.37
CA PHE A 112 13.53 2.71 10.06
C PHE A 112 12.37 1.71 10.13
N ASN A 113 11.17 2.18 9.80
CA ASN A 113 9.96 1.38 9.91
C ASN A 113 9.07 1.64 8.69
N PRO A 114 9.34 0.98 7.57
CA PRO A 114 8.69 1.34 6.30
C PRO A 114 7.23 0.89 6.19
N HIS A 115 6.47 1.64 5.40
CA HIS A 115 5.12 1.26 5.04
C HIS A 115 4.99 1.42 3.54
N GLY A 116 4.08 2.28 3.07
CA GLY A 116 3.87 2.41 1.64
C GLY A 116 5.12 2.90 0.93
N ILE A 117 5.24 2.56 -0.35
CA ILE A 117 6.35 3.02 -1.18
C ILE A 117 5.84 3.50 -2.53
N SER A 118 6.71 4.23 -3.22
CA SER A 118 6.43 4.71 -4.55
C SER A 118 7.75 5.02 -5.24
N THR A 119 7.75 4.94 -6.57
CA THR A 119 8.95 5.25 -7.32
C THR A 119 8.70 6.40 -8.28
N PHE A 120 9.77 7.11 -8.60
CA PHE A 120 9.75 8.07 -9.68
C PHE A 120 11.03 7.90 -10.50
N ILE A 121 10.89 7.91 -11.81
CA ILE A 121 12.01 7.77 -12.73
C ILE A 121 12.21 9.09 -13.45
N ASP A 122 13.40 9.68 -13.30
CA ASP A 122 13.73 10.98 -13.88
C ASP A 122 13.96 10.85 -15.40
N ASP A 123 14.13 12.03 -16.03
CA ASP A 123 14.45 12.06 -17.45
C ASP A 123 15.83 11.46 -17.74
N ASP A 124 16.76 11.55 -16.79
CA ASP A 124 18.06 10.88 -16.88
C ASP A 124 17.98 9.39 -16.58
N ASN A 125 16.79 8.88 -16.25
CA ASN A 125 16.55 7.51 -15.81
C ASN A 125 17.10 7.21 -14.41
N THR A 126 17.41 8.24 -13.63
CA THR A 126 17.58 8.04 -12.18
C THR A 126 16.28 7.51 -11.59
N VAL A 127 16.40 6.49 -10.74
CA VAL A 127 15.26 5.90 -10.05
C VAL A 127 15.24 6.40 -8.61
N TYR A 128 14.14 7.03 -8.23
CA TYR A 128 13.93 7.47 -6.86
C TYR A 128 12.88 6.58 -6.21
N LEU A 129 13.13 6.20 -4.97
CA LEU A 129 12.20 5.43 -4.16
C LEU A 129 11.73 6.30 -3.00
N LEU A 130 10.42 6.54 -2.91
CA LEU A 130 9.83 7.24 -1.78
C LEU A 130 9.22 6.20 -0.84
N VAL A 131 9.57 6.28 0.44
CA VAL A 131 9.22 5.25 1.41
C VAL A 131 8.56 5.93 2.59
N VAL A 132 7.32 5.55 2.87
CA VAL A 132 6.65 6.06 4.06
C VAL A 132 7.36 5.47 5.29
N ASN A 133 7.77 6.35 6.20
CA ASN A 133 8.50 5.94 7.38
C ASN A 133 7.72 6.39 8.61
N ARG A 134 7.51 5.49 9.56
CA ARG A 134 6.86 5.84 10.81
C ARG A 134 7.73 5.43 11.99
N PRO A 135 8.85 6.13 12.22
CA PRO A 135 9.72 5.81 13.36
C PRO A 135 9.14 6.41 14.64
N GLY A 136 8.72 5.53 15.54
CA GLY A 136 7.93 6.06 16.63
C GLY A 136 6.56 6.48 16.12
N SER A 137 5.95 7.40 16.88
CA SER A 137 4.62 7.86 16.54
C SER A 137 4.64 8.84 15.37
N SER A 138 5.79 9.45 15.09
CA SER A 138 5.87 10.45 14.03
C SER A 138 6.00 9.79 12.66
N SER A 139 5.80 10.59 11.64
CA SER A 139 5.55 10.09 10.29
C SER A 139 6.35 10.95 9.32
N THR A 140 7.15 10.29 8.47
CA THR A 140 7.99 10.97 7.49
C THR A 140 7.86 10.27 6.13
N VAL A 141 8.40 10.91 5.10
CA VAL A 141 8.60 10.28 3.81
C VAL A 141 10.09 10.39 3.47
N GLU A 142 10.74 9.25 3.27
CA GLU A 142 12.16 9.20 2.96
C GLU A 142 12.33 9.04 1.46
N VAL A 143 13.16 9.86 0.85
CA VAL A 143 13.42 9.73 -0.58
C VAL A 143 14.83 9.20 -0.78
N PHE A 144 14.96 8.13 -1.55
CA PHE A 144 16.25 7.50 -1.85
C PHE A 144 16.54 7.53 -3.35
N LYS A 145 17.81 7.43 -3.67
CA LYS A 145 18.24 7.16 -5.02
C LYS A 145 18.57 5.68 -5.08
N PHE A 146 18.04 5.01 -6.09
CA PHE A 146 18.30 3.59 -6.29
C PHE A 146 19.54 3.44 -7.13
N GLN A 147 20.48 2.64 -6.65
CA GLN A 147 21.73 2.37 -7.35
C GLN A 147 21.72 0.88 -7.66
N GLU A 148 21.32 0.55 -8.90
CA GLU A 148 21.08 -0.84 -9.25
C GLU A 148 22.37 -1.66 -9.21
N GLU A 149 23.42 -1.17 -9.88
CA GLU A 149 24.68 -1.91 -9.94
C GLU A 149 25.17 -2.27 -8.54
N GLU A 150 25.23 -1.27 -7.65
CA GLU A 150 25.65 -1.52 -6.28
C GLU A 150 24.56 -2.16 -5.43
N LYS A 151 23.35 -2.26 -5.96
CA LYS A 151 22.16 -2.77 -5.24
C LYS A 151 21.98 -2.09 -3.89
N SER A 152 21.82 -0.78 -3.94
CA SER A 152 21.71 -0.04 -2.69
C SER A 152 20.76 1.13 -2.86
N LEU A 153 20.36 1.67 -1.72
CA LEU A 153 19.53 2.86 -1.64
C LEU A 153 20.36 3.97 -1.00
N LEU A 154 20.58 5.05 -1.75
CA LEU A 154 21.25 6.24 -1.23
C LEU A 154 20.20 7.19 -0.64
N HIS A 155 20.21 7.36 0.68
CA HIS A 155 19.27 8.31 1.28
C HIS A 155 19.59 9.73 0.81
N LEU A 156 18.54 10.49 0.54
CA LEU A 156 18.65 11.87 0.09
C LEU A 156 18.01 12.84 1.06
N LYS A 157 16.77 12.59 1.48
CA LYS A 157 16.01 13.57 2.22
C LYS A 157 14.98 12.87 3.10
N THR A 158 14.71 13.49 4.24
CA THR A 158 13.59 13.16 5.12
C THR A 158 12.57 14.27 4.99
N ILE A 159 11.32 13.91 4.73
CA ILE A 159 10.25 14.88 4.52
C ILE A 159 9.26 14.76 5.67
N ARG A 160 8.98 15.89 6.34
CA ARG A 160 8.08 16.01 7.48
C ARG A 160 7.14 17.17 7.23
N HIS A 161 5.87 17.05 7.63
CA HIS A 161 4.97 18.18 7.45
C HIS A 161 3.76 18.05 8.36
N LYS A 162 3.18 19.19 8.76
CA LYS A 162 1.98 19.15 9.59
C LYS A 162 0.83 18.51 8.85
N LEU A 163 0.81 18.61 7.52
CA LEU A 163 -0.20 17.94 6.70
C LEU A 163 0.16 16.49 6.39
N LEU A 164 1.20 15.94 7.02
CA LEU A 164 1.52 14.52 6.89
C LEU A 164 1.58 13.88 8.28
N PRO A 165 0.47 13.89 9.02
CA PRO A 165 0.51 13.39 10.40
C PRO A 165 0.64 11.89 10.51
N SER A 166 0.11 11.13 9.57
CA SER A 166 -0.02 9.69 9.75
C SER A 166 -0.06 9.02 8.39
N VAL A 167 1.04 9.14 7.65
CA VAL A 167 1.05 8.76 6.26
C VAL A 167 0.99 7.24 6.11
N ASN A 168 0.18 6.80 5.15
CA ASN A 168 0.02 5.39 4.90
C ASN A 168 0.67 4.98 3.59
N ASP A 169 0.39 5.71 2.53
CA ASP A 169 0.98 5.42 1.24
C ASP A 169 1.13 6.73 0.51
N ILE A 170 2.09 6.79 -0.40
CA ILE A 170 2.26 7.93 -1.30
C ILE A 170 2.33 7.41 -2.72
N VAL A 171 2.03 8.28 -3.67
CA VAL A 171 2.33 8.05 -5.07
C VAL A 171 3.15 9.24 -5.58
N ALA A 172 4.37 8.96 -6.05
CA ALA A 172 5.31 10.01 -6.44
C ALA A 172 4.93 10.59 -7.80
N VAL A 173 5.12 11.89 -7.95
CA VAL A 173 4.98 12.57 -9.23
C VAL A 173 6.22 13.36 -9.60
N GLY A 174 7.27 13.30 -8.79
CA GLY A 174 8.59 13.82 -9.05
C GLY A 174 9.49 13.37 -7.93
N PRO A 175 10.75 13.78 -7.92
CA PRO A 175 11.70 13.30 -6.89
C PRO A 175 11.31 13.63 -5.45
N GLU A 176 10.65 14.75 -5.20
CA GLU A 176 10.12 15.01 -3.86
C GLU A 176 8.73 15.62 -3.99
N HIS A 177 7.93 15.02 -4.88
CA HIS A 177 6.59 15.48 -5.19
C HIS A 177 5.67 14.29 -5.18
N PHE A 178 4.59 14.36 -4.41
CA PHE A 178 3.73 13.19 -4.26
C PHE A 178 2.41 13.57 -3.62
N TYR A 179 1.42 12.72 -3.85
CA TYR A 179 0.20 12.66 -3.04
C TYR A 179 0.40 11.63 -1.94
N ALA A 180 -0.04 11.95 -0.74
CA ALA A 180 0.10 11.05 0.38
C ALA A 180 -1.26 10.84 1.06
N THR A 181 -1.60 9.60 1.33
CA THR A 181 -2.74 9.33 2.18
C THR A 181 -2.32 9.45 3.64
N ASN A 182 -3.23 9.91 4.48
CA ASN A 182 -3.10 9.79 5.92
C ASN A 182 -4.20 8.88 6.40
N ASP A 183 -3.85 7.81 7.11
CA ASP A 183 -4.88 6.86 7.53
C ASP A 183 -5.56 7.25 8.84
N HIS A 184 -5.05 8.27 9.52
CA HIS A 184 -5.64 8.85 10.72
C HIS A 184 -5.44 10.35 10.67
N TYR A 185 -6.33 11.09 11.34
CA TYR A 185 -6.09 12.50 11.54
C TYR A 185 -5.09 12.75 12.66
N PHE A 186 -5.13 11.94 13.72
CA PHE A 186 -4.31 12.20 14.89
C PHE A 186 -2.98 11.44 14.78
N ILE A 187 -1.99 11.95 15.52
CA ILE A 187 -0.66 11.35 15.56
C ILE A 187 -0.50 10.43 16.77
N ASP A 188 -1.09 10.80 17.89
CA ASP A 188 -0.96 10.04 19.12
C ASP A 188 -1.71 8.72 18.99
N PRO A 189 -1.07 7.58 19.32
CA PRO A 189 -1.69 6.27 19.05
C PRO A 189 -2.94 5.99 19.87
N TYR A 190 -3.12 6.64 21.03
CA TYR A 190 -4.35 6.43 21.79
C TYR A 190 -5.53 7.10 21.11
N LEU A 191 -5.40 8.39 20.78
CA LEU A 191 -6.45 9.07 20.02
C LEU A 191 -6.65 8.42 18.66
N LYS A 192 -5.56 7.96 18.04
CA LYS A 192 -5.64 7.26 16.76
C LYS A 192 -6.63 6.09 16.81
N SER A 193 -6.48 5.19 17.79
CA SER A 193 -7.41 4.07 17.89
C SER A 193 -8.83 4.52 18.23
N TRP A 194 -8.96 5.54 19.08
CA TRP A 194 -10.29 6.08 19.35
C TRP A 194 -10.90 6.67 18.08
N GLU A 195 -10.11 7.46 17.35
CA GLU A 195 -10.54 7.96 16.05
C GLU A 195 -11.02 6.80 15.16
N MET A 196 -10.24 5.72 15.08
CA MET A 196 -10.59 4.62 14.20
C MET A 196 -11.79 3.85 14.72
N HIS A 197 -11.91 3.70 16.05
CA HIS A 197 -13.05 2.96 16.60
C HIS A 197 -14.34 3.75 16.44
N LEU A 198 -14.31 5.06 16.72
CA LEU A 198 -15.51 5.87 16.58
C LEU A 198 -15.94 6.05 15.13
N GLY A 199 -15.03 5.85 14.17
CA GLY A 199 -15.34 6.13 12.79
C GLY A 199 -15.52 7.61 12.49
N LEU A 200 -14.64 8.46 13.02
CA LEU A 200 -14.76 9.89 12.77
C LEU A 200 -14.62 10.21 11.29
N ALA A 201 -13.77 9.46 10.57
CA ALA A 201 -13.48 9.68 9.15
C ALA A 201 -12.88 11.07 8.91
N TRP A 202 -11.81 11.36 9.65
CA TRP A 202 -11.10 12.62 9.50
C TRP A 202 -9.81 12.49 8.70
N SER A 203 -9.50 11.30 8.19
CA SER A 203 -8.27 11.14 7.44
C SER A 203 -8.40 11.81 6.05
N PHE A 204 -7.27 12.22 5.49
CA PHE A 204 -7.28 13.10 4.33
C PHE A 204 -6.04 12.84 3.48
N VAL A 205 -5.97 13.53 2.35
CA VAL A 205 -4.98 13.30 1.30
C VAL A 205 -4.27 14.61 1.01
N THR A 206 -2.94 14.58 1.00
CA THR A 206 -2.11 15.76 0.86
C THR A 206 -1.28 15.69 -0.42
N TYR A 207 -1.17 16.83 -1.11
CA TYR A 207 -0.18 16.97 -2.16
C TYR A 207 1.02 17.68 -1.55
N TYR A 208 2.20 17.11 -1.74
CA TYR A 208 3.41 17.67 -1.20
C TYR A 208 4.35 17.98 -2.36
N SER A 209 4.90 19.18 -2.35
CA SER A 209 5.98 19.52 -3.26
C SER A 209 6.84 20.52 -2.52
N PRO A 210 8.11 20.64 -2.87
CA PRO A 210 8.98 21.60 -2.14
C PRO A 210 8.37 22.99 -1.99
N ASN A 211 7.65 23.48 -3.00
CA ASN A 211 7.16 24.85 -2.95
C ASN A 211 5.70 24.97 -2.55
N ASP A 212 5.03 23.86 -2.23
CA ASP A 212 3.58 23.90 -2.15
C ASP A 212 3.00 22.63 -1.56
N VAL A 213 2.27 22.75 -0.43
CA VAL A 213 1.76 21.59 0.30
C VAL A 213 0.31 21.87 0.67
N ARG A 214 -0.62 21.04 0.17
CA ARG A 214 -2.06 21.28 0.30
C ARG A 214 -2.78 19.98 0.59
N VAL A 215 -3.87 20.09 1.34
CA VAL A 215 -4.89 19.05 1.37
C VAL A 215 -5.66 19.05 0.06
N VAL A 216 -5.82 17.89 -0.57
CA VAL A 216 -6.57 17.80 -1.82
C VAL A 216 -7.88 17.02 -1.68
N ALA A 217 -8.06 16.22 -0.63
CA ALA A 217 -9.35 15.59 -0.36
C ALA A 217 -9.43 15.24 1.11
N GLU A 218 -10.64 15.15 1.65
CA GLU A 218 -10.77 14.86 3.08
C GLU A 218 -12.06 14.10 3.38
N GLY A 219 -12.20 13.72 4.64
CA GLY A 219 -13.37 12.97 5.07
C GLY A 219 -13.32 11.49 4.81
N PHE A 220 -12.13 10.89 4.86
CA PHE A 220 -11.94 9.49 4.53
C PHE A 220 -11.98 8.63 5.79
N ASP A 221 -12.62 7.48 5.69
CA ASP A 221 -12.62 6.50 6.78
C ASP A 221 -11.43 5.55 6.56
N SER A 222 -10.24 6.09 6.85
CA SER A 222 -8.93 5.45 6.71
C SER A 222 -8.48 5.32 5.25
N ALA A 223 -7.93 6.39 4.69
CA ALA A 223 -7.37 6.36 3.35
C ALA A 223 -6.06 5.56 3.35
N ASN A 224 -5.98 4.52 2.49
CA ASN A 224 -4.84 3.62 2.51
C ASN A 224 -4.09 3.72 1.19
N GLY A 225 -4.28 2.80 0.26
CA GLY A 225 -3.56 2.87 -0.98
C GLY A 225 -3.94 4.09 -1.80
N ILE A 226 -3.00 4.53 -2.61
CA ILE A 226 -3.18 5.65 -3.52
C ILE A 226 -2.31 5.40 -4.74
N ASN A 227 -2.82 5.74 -5.90
CA ASN A 227 -2.04 5.56 -7.12
C ASN A 227 -2.58 6.53 -8.17
N ILE A 228 -1.97 6.46 -9.35
CA ILE A 228 -2.22 7.40 -10.43
C ILE A 228 -2.31 6.66 -11.75
N SER A 229 -3.10 7.20 -12.69
CA SER A 229 -3.21 6.58 -14.00
C SER A 229 -1.91 6.80 -14.78
N PRO A 230 -1.60 5.94 -15.74
CA PRO A 230 -0.33 6.07 -16.47
C PRO A 230 -0.15 7.41 -17.18
N ASP A 231 -1.24 8.07 -17.61
CA ASP A 231 -1.14 9.39 -18.25
C ASP A 231 -1.27 10.56 -17.28
N GLY A 232 -1.41 10.32 -15.96
CA GLY A 232 -1.43 11.38 -14.98
C GLY A 232 -2.77 12.04 -14.74
N LYS A 233 -3.80 11.66 -15.49
CA LYS A 233 -5.05 12.38 -15.47
C LYS A 233 -5.99 11.97 -14.34
N TYR A 234 -5.81 10.78 -13.75
CA TYR A 234 -6.68 10.38 -12.66
C TYR A 234 -5.87 9.89 -11.47
N VAL A 235 -6.41 10.08 -10.28
CA VAL A 235 -5.83 9.58 -9.04
C VAL A 235 -6.82 8.63 -8.39
N TYR A 236 -6.33 7.51 -7.86
CA TYR A 236 -7.16 6.52 -7.20
C TYR A 236 -6.79 6.48 -5.72
N ILE A 237 -7.79 6.45 -4.87
CA ILE A 237 -7.58 6.45 -3.42
C ILE A 237 -8.45 5.37 -2.81
N ALA A 238 -7.83 4.46 -2.07
CA ALA A 238 -8.56 3.43 -1.35
C ALA A 238 -8.99 3.94 0.02
N GLU A 239 -10.25 3.72 0.36
CA GLU A 239 -10.79 4.03 1.69
C GLU A 239 -11.05 2.69 2.36
N LEU A 240 -10.15 2.29 3.25
CA LEU A 240 -10.16 0.93 3.79
C LEU A 240 -11.52 0.58 4.42
N LEU A 241 -11.96 1.35 5.41
CA LEU A 241 -13.10 0.94 6.20
C LEU A 241 -14.43 1.30 5.55
N ALA A 242 -14.45 2.20 4.56
CA ALA A 242 -15.64 2.38 3.73
C ALA A 242 -15.77 1.34 2.62
N HIS A 243 -14.73 0.52 2.38
CA HIS A 243 -14.72 -0.43 1.27
C HIS A 243 -14.90 0.28 -0.08
N LYS A 244 -14.20 1.38 -0.27
CA LYS A 244 -14.41 2.18 -1.46
C LYS A 244 -13.10 2.55 -2.12
N ILE A 245 -13.12 2.65 -3.44
CA ILE A 245 -12.03 3.25 -4.20
C ILE A 245 -12.57 4.52 -4.83
N HIS A 246 -11.98 5.65 -4.48
CA HIS A 246 -12.39 6.92 -5.03
C HIS A 246 -11.55 7.24 -6.25
N VAL A 247 -12.19 7.67 -7.32
CA VAL A 247 -11.50 8.15 -8.51
C VAL A 247 -11.61 9.67 -8.55
N TYR A 248 -10.47 10.33 -8.73
CA TYR A 248 -10.40 11.79 -8.80
C TYR A 248 -9.82 12.23 -10.13
N GLU A 249 -10.28 13.37 -10.63
CA GLU A 249 -9.62 13.99 -11.76
C GLU A 249 -8.45 14.79 -11.23
N LYS A 250 -7.27 14.60 -11.83
CA LYS A 250 -6.07 15.30 -11.40
C LYS A 250 -5.78 16.46 -12.35
N HIS A 251 -5.69 17.67 -11.81
CA HIS A 251 -5.58 18.87 -12.64
C HIS A 251 -4.15 19.32 -12.78
N ALA A 252 -3.91 20.14 -13.80
CA ALA A 252 -2.57 20.66 -14.06
C ALA A 252 -2.01 21.45 -12.89
N ASN A 253 -2.86 21.92 -11.97
CA ASN A 253 -2.37 22.60 -10.79
C ASN A 253 -2.37 21.70 -9.57
N TRP A 254 -2.48 20.37 -9.78
CA TRP A 254 -2.36 19.26 -8.83
C TRP A 254 -3.58 19.10 -7.94
N THR A 255 -4.60 19.96 -8.04
CA THR A 255 -5.80 19.72 -7.27
C THR A 255 -6.58 18.55 -7.86
N LEU A 256 -7.54 18.05 -7.08
CA LEU A 256 -8.31 16.86 -7.43
C LEU A 256 -9.79 17.19 -7.36
N THR A 257 -10.55 16.72 -8.35
CA THR A 257 -11.99 16.82 -8.17
C THR A 257 -12.64 15.45 -8.28
N PRO A 258 -13.60 15.14 -7.42
CA PRO A 258 -14.23 13.81 -7.42
C PRO A 258 -14.81 13.44 -8.77
N LEU A 259 -14.80 12.12 -9.06
CA LEU A 259 -15.33 11.60 -10.32
C LEU A 259 -16.21 10.37 -10.12
N ARG A 260 -15.62 9.27 -9.68
CA ARG A 260 -16.37 8.05 -9.40
C ARG A 260 -16.02 7.57 -8.00
N VAL A 261 -16.95 6.83 -7.42
CA VAL A 261 -16.70 6.06 -6.21
C VAL A 261 -17.11 4.62 -6.51
N LEU A 262 -16.20 3.67 -6.31
CA LEU A 262 -16.51 2.26 -6.48
C LEU A 262 -16.63 1.61 -5.11
N SER A 263 -17.56 0.69 -4.96
CA SER A 263 -17.80 0.03 -3.69
C SER A 263 -17.62 -1.47 -3.81
N PHE A 264 -17.22 -2.11 -2.71
CA PHE A 264 -16.85 -3.51 -2.72
C PHE A 264 -17.29 -4.12 -1.41
N ASP A 265 -17.29 -5.45 -1.38
CA ASP A 265 -17.58 -6.22 -0.18
C ASP A 265 -16.29 -6.68 0.48
N THR A 266 -15.32 -5.78 0.60
CA THR A 266 -14.01 -6.12 1.13
C THR A 266 -13.26 -4.82 1.47
N LEU A 267 -12.34 -4.91 2.42
CA LEU A 267 -11.52 -3.76 2.79
C LEU A 267 -10.41 -3.62 1.75
N VAL A 268 -10.44 -2.52 1.01
CA VAL A 268 -9.46 -2.26 -0.04
C VAL A 268 -8.23 -1.61 0.58
N ASP A 269 -7.04 -2.17 0.30
CA ASP A 269 -5.80 -1.68 0.89
C ASP A 269 -4.95 -0.95 -0.14
N ASN A 270 -3.81 -1.51 -0.55
CA ASN A 270 -2.98 -0.75 -1.49
C ASN A 270 -3.38 -1.02 -2.94
N ILE A 271 -3.10 -0.04 -3.80
CA ILE A 271 -3.54 -0.03 -5.19
C ILE A 271 -2.32 0.01 -6.10
N SER A 272 -2.20 -0.98 -6.98
CA SER A 272 -1.23 -0.94 -8.06
C SER A 272 -1.93 -0.60 -9.38
N VAL A 273 -1.23 0.11 -10.25
CA VAL A 273 -1.73 0.43 -11.57
C VAL A 273 -0.82 -0.22 -12.60
N ASP A 274 -1.42 -0.92 -13.54
CA ASP A 274 -0.64 -1.52 -14.60
C ASP A 274 -0.37 -0.49 -15.68
N PRO A 275 0.90 -0.26 -16.04
CA PRO A 275 1.23 0.81 -17.01
C PRO A 275 0.62 0.62 -18.39
N VAL A 276 0.51 -0.62 -18.86
CA VAL A 276 0.06 -0.85 -20.23
C VAL A 276 -1.45 -0.68 -20.34
N THR A 277 -2.21 -1.28 -19.44
CA THR A 277 -3.67 -1.23 -19.53
C THR A 277 -4.29 -0.06 -18.80
N GLY A 278 -3.60 0.45 -17.77
CA GLY A 278 -4.22 1.29 -16.77
C GLY A 278 -5.02 0.56 -15.71
N ASP A 279 -5.10 -0.77 -15.76
CA ASP A 279 -5.90 -1.55 -14.81
C ASP A 279 -5.44 -1.32 -13.38
N LEU A 280 -6.39 -1.42 -12.46
CA LEU A 280 -6.10 -1.41 -11.03
C LEU A 280 -5.98 -2.84 -10.51
N TRP A 281 -4.90 -3.15 -9.81
CA TRP A 281 -4.79 -4.39 -9.06
C TRP A 281 -4.74 -4.03 -7.59
N VAL A 282 -5.60 -4.65 -6.78
CA VAL A 282 -5.91 -4.19 -5.44
C VAL A 282 -5.76 -5.33 -4.45
N GLY A 283 -4.93 -5.13 -3.43
CA GLY A 283 -4.84 -6.09 -2.34
C GLY A 283 -5.93 -5.78 -1.34
N CYS A 284 -6.64 -6.83 -0.90
CA CYS A 284 -7.82 -6.65 -0.08
C CYS A 284 -7.79 -7.52 1.16
N HIS A 285 -8.42 -7.02 2.22
CA HIS A 285 -8.70 -7.75 3.45
C HIS A 285 -10.19 -8.04 3.51
N PRO A 286 -10.61 -9.27 3.22
CA PRO A 286 -12.07 -9.52 3.15
C PRO A 286 -12.78 -9.29 4.46
N ASN A 287 -12.21 -9.73 5.57
CA ASN A 287 -12.79 -9.56 6.90
C ASN A 287 -11.87 -8.66 7.72
N GLY A 288 -12.35 -7.48 8.09
CA GLY A 288 -11.51 -6.55 8.82
C GLY A 288 -11.18 -7.00 10.23
N MET A 289 -12.05 -7.81 10.84
CA MET A 289 -11.74 -8.28 12.19
C MET A 289 -10.50 -9.15 12.19
N ARG A 290 -10.40 -10.06 11.22
CA ARG A 290 -9.29 -10.98 11.19
C ARG A 290 -7.97 -10.26 10.92
N ILE A 291 -7.99 -9.13 10.22
CA ILE A 291 -6.74 -8.44 9.95
C ILE A 291 -6.39 -7.47 11.07
N PHE A 292 -7.37 -6.96 11.80
CA PHE A 292 -7.07 -6.02 12.88
C PHE A 292 -6.87 -6.71 14.24
N PHE A 293 -7.66 -7.75 14.55
CA PHE A 293 -7.58 -8.45 15.84
C PHE A 293 -7.12 -9.86 15.57
N TYR A 294 -5.80 -10.02 15.42
CA TYR A 294 -5.23 -11.27 14.96
C TYR A 294 -5.50 -12.38 15.96
N ASP A 295 -5.59 -13.60 15.43
CA ASP A 295 -5.94 -14.80 16.17
C ASP A 295 -5.42 -15.95 15.32
N ALA A 296 -4.42 -16.67 15.84
CA ALA A 296 -3.74 -17.69 15.05
C ALA A 296 -4.68 -18.81 14.63
N GLU A 297 -5.70 -19.09 15.44
CA GLU A 297 -6.68 -20.11 15.07
C GLU A 297 -7.70 -19.60 14.06
N ASN A 298 -7.68 -18.32 13.73
CA ASN A 298 -8.64 -17.74 12.78
C ASN A 298 -7.96 -16.62 11.99
N PRO A 299 -6.99 -16.99 11.13
CA PRO A 299 -6.10 -15.98 10.53
C PRO A 299 -6.78 -15.21 9.41
N PRO A 300 -6.28 -14.03 9.08
CA PRO A 300 -6.87 -13.27 7.96
C PRO A 300 -6.51 -13.90 6.62
N GLY A 301 -7.41 -13.74 5.65
CA GLY A 301 -7.22 -14.31 4.33
C GLY A 301 -6.57 -13.35 3.35
N SER A 302 -6.81 -13.59 2.07
CA SER A 302 -6.21 -12.80 1.02
C SER A 302 -7.19 -12.71 -0.13
N GLU A 303 -7.17 -11.58 -0.82
CA GLU A 303 -8.04 -11.36 -1.98
C GLU A 303 -7.36 -10.34 -2.87
N VAL A 304 -7.29 -10.64 -4.17
CA VAL A 304 -6.73 -9.73 -5.14
C VAL A 304 -7.80 -9.41 -6.17
N LEU A 305 -8.05 -8.12 -6.38
CA LEU A 305 -9.00 -7.62 -7.36
C LEU A 305 -8.28 -7.02 -8.55
N ARG A 306 -8.78 -7.31 -9.74
CA ARG A 306 -8.43 -6.54 -10.93
C ARG A 306 -9.63 -5.70 -11.29
N ILE A 307 -9.39 -4.42 -11.58
CA ILE A 307 -10.45 -3.48 -11.93
C ILE A 307 -10.12 -2.92 -13.29
N GLN A 308 -11.04 -3.10 -14.25
CA GLN A 308 -10.85 -2.63 -15.61
C GLN A 308 -11.88 -1.59 -15.98
N ASP A 309 -11.51 -0.70 -16.89
CA ASP A 309 -12.42 0.29 -17.46
C ASP A 309 -13.18 1.01 -16.35
N ILE A 310 -12.43 1.75 -15.54
CA ILE A 310 -12.94 2.27 -14.28
C ILE A 310 -13.71 3.57 -14.46
N LEU A 311 -13.60 4.20 -15.63
CA LEU A 311 -14.36 5.41 -15.93
C LEU A 311 -15.70 5.14 -16.59
N SER A 312 -15.94 3.92 -17.06
CA SER A 312 -17.14 3.62 -17.83
C SER A 312 -18.31 3.29 -16.90
N GLU A 313 -19.48 3.09 -17.51
CA GLU A 313 -20.73 2.93 -16.77
C GLU A 313 -20.62 1.82 -15.74
N GLU A 314 -20.34 0.59 -16.19
CA GLU A 314 -20.15 -0.56 -15.30
C GLU A 314 -18.71 -1.05 -15.37
N PRO A 315 -17.88 -0.76 -14.36
CA PRO A 315 -16.48 -1.21 -14.38
C PRO A 315 -16.37 -2.70 -14.08
N LYS A 316 -15.42 -3.36 -14.75
CA LYS A 316 -15.25 -4.80 -14.64
C LYS A 316 -14.35 -5.12 -13.44
N VAL A 317 -14.94 -5.71 -12.41
CA VAL A 317 -14.21 -6.16 -11.22
C VAL A 317 -14.10 -7.67 -11.26
N THR A 318 -12.87 -8.20 -11.24
CA THR A 318 -12.65 -9.63 -11.16
C THR A 318 -11.88 -9.97 -9.89
N VAL A 319 -12.32 -11.02 -9.20
CA VAL A 319 -11.51 -11.61 -8.14
C VAL A 319 -10.52 -12.56 -8.79
N VAL A 320 -9.23 -12.19 -8.79
CA VAL A 320 -8.19 -12.98 -9.43
C VAL A 320 -7.61 -14.02 -8.50
N TYR A 321 -7.71 -13.80 -7.19
CA TYR A 321 -7.15 -14.72 -6.21
C TYR A 321 -7.83 -14.46 -4.87
N ALA A 322 -8.18 -15.53 -4.16
CA ALA A 322 -8.87 -15.37 -2.89
C ALA A 322 -8.75 -16.66 -2.12
N GLU A 323 -8.65 -16.54 -0.80
CA GLU A 323 -8.17 -17.62 0.04
C GLU A 323 -8.40 -17.23 1.49
N ASN A 324 -8.57 -18.24 2.35
CA ASN A 324 -8.87 -17.98 3.76
C ASN A 324 -7.65 -17.93 4.66
N GLY A 325 -6.44 -17.91 4.10
CA GLY A 325 -5.26 -17.78 4.92
C GLY A 325 -4.49 -19.05 5.19
N THR A 326 -4.88 -20.21 4.62
CA THR A 326 -4.09 -21.40 4.86
C THR A 326 -2.73 -21.32 4.20
N VAL A 327 -2.56 -20.45 3.19
CA VAL A 327 -1.26 -20.19 2.58
C VAL A 327 -0.79 -18.76 2.87
N LEU A 328 -1.55 -17.75 2.43
CA LEU A 328 -1.14 -16.37 2.52
C LEU A 328 -2.13 -15.57 3.37
N GLN A 329 -1.62 -14.90 4.40
CA GLN A 329 -2.44 -14.22 5.38
C GLN A 329 -2.25 -12.72 5.28
N GLY A 330 -3.33 -11.99 5.01
CA GLY A 330 -3.32 -10.55 5.08
C GLY A 330 -2.81 -9.82 3.86
N SER A 331 -3.21 -10.25 2.65
CA SER A 331 -2.80 -9.58 1.42
C SER A 331 -3.13 -8.08 1.45
N SER A 332 -2.14 -7.27 1.09
CA SER A 332 -2.29 -5.83 1.13
C SER A 332 -1.93 -5.16 -0.16
N VAL A 333 -1.21 -5.84 -1.05
CA VAL A 333 -0.77 -5.28 -2.31
C VAL A 333 -0.62 -6.42 -3.30
N ALA A 334 -0.85 -6.12 -4.57
CA ALA A 334 -0.73 -7.09 -5.64
C ALA A 334 -0.40 -6.35 -6.93
N ALA A 335 0.54 -6.90 -7.69
CA ALA A 335 0.92 -6.29 -8.94
C ALA A 335 1.27 -7.41 -9.90
N VAL A 336 1.15 -7.14 -11.19
CA VAL A 336 1.37 -8.16 -12.21
C VAL A 336 2.53 -7.74 -13.09
N TYR A 337 3.27 -8.73 -13.57
CA TYR A 337 4.40 -8.47 -14.44
C TYR A 337 4.56 -9.68 -15.33
N LYS A 338 4.39 -9.48 -16.64
CA LYS A 338 4.66 -10.47 -17.69
C LYS A 338 4.08 -11.84 -17.38
N GLY A 339 2.79 -11.88 -17.04
CA GLY A 339 2.12 -13.12 -16.75
C GLY A 339 2.15 -13.57 -15.29
N LYS A 340 2.98 -12.95 -14.46
CA LYS A 340 3.15 -13.30 -13.06
C LYS A 340 2.44 -12.30 -12.15
N LEU A 341 2.01 -12.79 -10.99
CA LEU A 341 1.28 -12.01 -10.01
C LEU A 341 2.03 -12.08 -8.70
N LEU A 342 2.36 -10.94 -8.15
CA LEU A 342 3.09 -10.88 -6.89
C LEU A 342 2.14 -10.30 -5.86
N ILE A 343 1.93 -11.03 -4.75
CA ILE A 343 1.01 -10.64 -3.70
C ILE A 343 1.79 -10.44 -2.42
N GLY A 344 1.62 -9.27 -1.79
CA GLY A 344 2.26 -9.01 -0.52
C GLY A 344 1.27 -8.91 0.62
N THR A 345 1.76 -8.99 1.85
CA THR A 345 0.91 -9.03 3.03
C THR A 345 1.34 -7.96 4.00
N VAL A 346 0.43 -7.63 4.91
CA VAL A 346 0.75 -6.67 5.98
C VAL A 346 1.94 -7.18 6.81
N PHE A 347 1.82 -8.39 7.35
CA PHE A 347 2.80 -8.88 8.30
C PHE A 347 3.16 -10.35 8.06
N HIS A 348 2.85 -10.90 6.89
CA HIS A 348 3.01 -12.34 6.72
C HIS A 348 4.00 -12.65 5.61
N LYS A 349 3.59 -13.45 4.63
CA LYS A 349 4.49 -13.86 3.58
C LYS A 349 4.19 -13.11 2.28
N ALA A 350 4.68 -13.64 1.16
CA ALA A 350 4.44 -13.09 -0.16
C ALA A 350 4.29 -14.25 -1.12
N LEU A 351 3.36 -14.11 -2.05
CA LEU A 351 2.98 -15.20 -2.95
C LEU A 351 3.30 -14.79 -4.38
N TYR A 352 4.07 -15.62 -5.07
CA TYR A 352 4.42 -15.40 -6.46
C TYR A 352 3.68 -16.45 -7.28
N CYS A 353 2.98 -16.00 -8.33
CA CYS A 353 1.93 -16.81 -8.94
C CYS A 353 1.99 -16.70 -10.46
N ASP A 354 1.77 -17.81 -11.14
CA ASP A 354 1.35 -17.74 -12.52
C ASP A 354 -0.09 -17.25 -12.59
N LEU A 355 -0.35 -16.33 -13.50
CA LEU A 355 -1.72 -15.89 -13.73
C LEU A 355 -2.44 -16.89 -14.62
CA CA B . 2.45 2.48 -2.76
CA CA C . -1.70 -1.04 5.10
CL CL D . -12.19 3.44 -18.64
CL CL E . -9.54 -21.19 0.83
CL CL F . -10.46 -12.85 5.83
C1 B3P G . 2.61 -25.19 -6.77
C2 B3P G . 2.76 -26.10 -7.98
C3 B3P G . 1.14 -25.15 -6.39
N1 B3P G . 1.01 -24.66 -5.02
C4 B3P G . -0.37 -24.41 -4.59
C5 B3P G . -0.84 -25.58 -3.75
C6 B3P G . -1.35 -24.23 -5.76
C7 B3P G . -0.33 -23.12 -3.75
N2 B3P G . 4.09 -26.00 -8.56
C8 B3P G . 4.30 -27.01 -9.61
C9 B3P G . 3.05 -27.15 -10.49
C10 B3P G . 4.59 -28.38 -9.01
C11 B3P G . 5.48 -26.56 -10.48
O1 B3P G . 2.83 -26.05 -11.33
O2 B3P G . 4.90 -28.31 -7.64
O3 B3P G . 6.36 -27.62 -10.74
O4 B3P G . 0.20 -26.02 -2.91
O5 B3P G . -1.26 -22.93 -6.28
O6 B3P G . -1.17 -23.21 -2.62
#